data_3GNO
#
_entry.id   3GNO
#
_cell.length_a   56.809
_cell.length_b   90.489
_cell.length_c   101.710
_cell.angle_alpha   90.00
_cell.angle_beta   90.00
_cell.angle_gamma   90.00
#
_symmetry.space_group_name_H-M   'P 21 21 21'
#
loop_
_entity.id
_entity.type
_entity.pdbx_description
1 polymer 'Os03g0212800 protein'
2 non-polymer 2-AMINO-2-HYDROXYMETHYL-PROPANE-1,3-DIOL
3 non-polymer GLYCEROL
4 water water
#
_entity_poly.entity_id   1
_entity_poly.type   'polypeptide(L)'
_entity_poly.pdbx_seq_one_letter_code
;SFTMAQQSGGGLTRGSFPEGFVFGTASAAYQYEGAVKEDGRGQTIWDTFAHTFGKITDFSNADVAVDQYHRFEEDIQLMA
DMGMDAYRFSIAWSRIYPNGVGQVNQAGIDHYNKLIDALLAKGIQPYVTLYHWDLPQALEDKYKGWLDRQIVDDFAAYAE
TCFREFGDRVKHWITLNEPHTVAIQGYDAGLQAPGRCSVLLHLYCKAGNSGTEPYVVAHHFILAHAAAASIYRTKYKATQ
NGQLGIAFDVMWFEPMSNTTIDIEAAKRAQEFQLGWFADPFFFGDYPATMRARVGERLPRFTADEAAVVKGALDFVGINH
YTTYYTRHNNTNIIGTLLNNTLADTGTVSLPFKNGKPIGDRANSIWLYIVPRGMRSLMNYVKERYNSPPVYITENGMDDS
NNPFISIKDALKDSKRIKYHNDYLTNLAASIKEDGCDVRGYFAWSLLDNWEWAAGYSSRFGLYFVDYKDNLKRYPKNSVQ
WFKALLKT
;
_entity_poly.pdbx_strand_id   A
#
# COMPACT_ATOMS: atom_id res chain seq x y z
N GLY A 11 16.38 -25.51 2.64
CA GLY A 11 15.77 -24.23 2.18
C GLY A 11 14.29 -24.11 2.50
N LEU A 12 13.73 -22.94 2.22
CA LEU A 12 12.31 -22.72 2.48
C LEU A 12 11.40 -23.59 1.62
N THR A 13 10.36 -24.11 2.26
CA THR A 13 9.29 -24.82 1.56
C THR A 13 7.96 -24.32 2.13
N ARG A 14 6.84 -24.87 1.66
CA ARG A 14 5.56 -24.53 2.26
C ARG A 14 5.52 -25.03 3.70
N GLY A 15 6.27 -26.08 3.97
CA GLY A 15 6.37 -26.63 5.31
C GLY A 15 7.07 -25.71 6.30
N SER A 16 7.74 -24.67 5.80
CA SER A 16 8.41 -23.67 6.67
C SER A 16 7.41 -22.74 7.33
N PHE A 17 6.20 -22.72 6.77
CA PHE A 17 5.09 -21.88 7.22
C PHE A 17 3.92 -22.72 7.75
N PRO A 18 3.01 -22.10 8.54
CA PRO A 18 1.82 -22.80 9.09
C PRO A 18 1.00 -23.41 7.99
N GLU A 19 0.33 -24.52 8.28
CA GLU A 19 -0.65 -25.10 7.36
C GLU A 19 -1.65 -24.03 7.01
N GLY A 20 -1.98 -23.94 5.73
CA GLY A 20 -2.95 -22.96 5.24
C GLY A 20 -2.38 -21.58 4.96
N PHE A 21 -1.07 -21.39 5.14
CA PHE A 21 -0.45 -20.07 4.92
C PHE A 21 -0.64 -19.69 3.44
N VAL A 22 -1.10 -18.47 3.20
CA VAL A 22 -1.45 -18.03 1.87
C VAL A 22 -0.31 -17.30 1.17
N PHE A 23 0.09 -17.79 -0.02
CA PHE A 23 1.07 -17.08 -0.83
C PHE A 23 0.40 -16.48 -2.05
N GLY A 24 0.75 -15.23 -2.36
CA GLY A 24 0.17 -14.57 -3.51
C GLY A 24 1.10 -13.56 -4.14
N THR A 25 0.59 -12.87 -5.15
CA THR A 25 1.30 -11.72 -5.72
C THR A 25 0.30 -10.57 -5.66
N ALA A 26 0.82 -9.35 -5.71
CA ALA A 26 -0.01 -8.15 -5.60
C ALA A 26 0.12 -7.27 -6.86
N SER A 27 -0.96 -6.54 -7.13
CA SER A 27 -1.09 -5.59 -8.22
C SER A 27 -1.97 -4.42 -7.73
N ALA A 28 -2.08 -3.38 -8.56
CA ALA A 28 -2.98 -2.28 -8.28
C ALA A 28 -3.56 -1.82 -9.60
N ALA A 29 -4.80 -1.35 -9.58
CA ALA A 29 -5.53 -1.04 -10.81
C ALA A 29 -4.84 -0.06 -11.72
N TYR A 30 -4.50 1.10 -11.17
CA TYR A 30 -3.98 2.15 -12.03
C TYR A 30 -2.61 1.76 -12.59
N GLN A 31 -1.84 1.01 -11.82
CA GLN A 31 -0.51 0.61 -12.29
C GLN A 31 -0.51 -0.48 -13.34
N TYR A 32 -1.61 -1.25 -13.42
CA TYR A 32 -1.72 -2.44 -14.27
C TYR A 32 -2.68 -2.37 -15.43
N GLU A 33 -3.86 -1.77 -15.19
CA GLU A 33 -5.02 -2.01 -16.05
C GLU A 33 -4.96 -1.45 -17.45
N GLY A 34 -4.51 -0.22 -17.59
CA GLY A 34 -4.70 0.50 -18.85
C GLY A 34 -6.19 0.70 -19.11
N ALA A 35 -6.57 0.80 -20.39
CA ALA A 35 -7.98 0.97 -20.77
C ALA A 35 -8.60 2.14 -19.99
N VAL A 36 -7.89 3.26 -19.90
CA VAL A 36 -8.31 4.32 -19.00
C VAL A 36 -9.61 5.00 -19.43
N LYS A 37 -9.94 4.93 -20.71
CA LYS A 37 -11.14 5.59 -21.19
C LYS A 37 -12.14 4.58 -21.74
N GLU A 38 -12.02 3.33 -21.29
CA GLU A 38 -12.81 2.24 -21.84
C GLU A 38 -13.97 1.87 -20.94
N ASP A 39 -15.09 1.46 -21.54
CA ASP A 39 -16.23 0.91 -20.79
C ASP A 39 -16.74 1.85 -19.68
N GLY A 40 -16.70 3.16 -19.94
CA GLY A 40 -17.33 4.10 -19.01
C GLY A 40 -16.50 4.63 -17.85
N ARG A 41 -15.23 4.23 -17.77
CA ARG A 41 -14.39 4.60 -16.66
C ARG A 41 -14.25 6.12 -16.55
N GLY A 42 -14.45 6.63 -15.34
CA GLY A 42 -14.28 8.07 -15.06
C GLY A 42 -12.84 8.44 -14.83
N GLN A 43 -12.53 9.72 -15.03
CA GLN A 43 -11.20 10.27 -14.77
C GLN A 43 -10.87 10.23 -13.27
N THR A 44 -9.62 9.90 -12.95
CA THR A 44 -9.19 9.94 -11.56
C THR A 44 -8.14 11.03 -11.32
N ILE A 45 -7.81 11.25 -10.04
CA ILE A 45 -6.76 12.23 -9.72
C ILE A 45 -5.41 11.82 -10.30
N TRP A 46 -5.20 10.52 -10.50
CA TRP A 46 -3.92 10.08 -11.06
C TRP A 46 -3.88 10.24 -12.57
N ASP A 47 -5.02 10.16 -13.24
CA ASP A 47 -5.05 10.53 -14.66
C ASP A 47 -4.62 11.99 -14.81
N THR A 48 -5.17 12.84 -13.97
CA THR A 48 -4.84 14.27 -13.98
C THR A 48 -3.37 14.49 -13.67
N PHE A 49 -2.90 13.89 -12.58
CA PHE A 49 -1.52 14.01 -12.13
C PHE A 49 -0.55 13.51 -13.22
N ALA A 50 -0.82 12.32 -13.79
CA ALA A 50 0.10 11.73 -14.79
C ALA A 50 0.14 12.53 -16.09
N HIS A 51 -0.90 13.33 -16.34
CA HIS A 51 -0.96 14.16 -17.53
C HIS A 51 -0.62 15.64 -17.23
N THR A 52 0.01 15.88 -16.10
CA THR A 52 0.50 17.21 -15.72
C THR A 52 2.01 17.23 -15.80
N PHE A 53 2.56 18.27 -16.42
CA PHE A 53 4.02 18.40 -16.48
C PHE A 53 4.68 18.29 -15.10
N GLY A 54 5.77 17.54 -15.03
CA GLY A 54 6.68 17.56 -13.91
C GLY A 54 6.40 16.52 -12.84
N LYS A 55 5.28 15.80 -12.99
CA LYS A 55 4.81 14.95 -11.91
C LYS A 55 5.34 13.54 -12.03
N ILE A 56 5.59 13.10 -13.26
CA ILE A 56 6.16 11.77 -13.47
C ILE A 56 7.58 11.88 -14.00
N THR A 57 8.49 11.21 -13.30
CA THR A 57 9.92 11.40 -13.50
C THR A 57 10.39 11.03 -14.90
N ASP A 58 9.81 9.98 -15.49
CA ASP A 58 10.18 9.55 -16.84
C ASP A 58 9.16 10.00 -17.90
N PHE A 59 8.32 10.97 -17.53
CA PHE A 59 7.36 11.58 -18.47
C PHE A 59 6.31 10.61 -18.99
N SER A 60 6.14 9.50 -18.30
CA SER A 60 5.24 8.47 -18.81
C SER A 60 3.84 8.58 -18.21
N ASN A 61 2.96 7.70 -18.68
CA ASN A 61 1.65 7.59 -18.05
C ASN A 61 1.17 6.14 -18.08
N ALA A 62 0.00 5.91 -17.48
CA ALA A 62 -0.57 4.57 -17.37
C ALA A 62 -1.84 4.42 -18.20
N ASP A 63 -1.93 5.16 -19.32
CA ASP A 63 -3.09 5.04 -20.22
C ASP A 63 -3.25 3.61 -20.72
N VAL A 64 -2.12 2.94 -21.02
CA VAL A 64 -2.12 1.54 -21.41
C VAL A 64 -1.56 0.64 -20.30
N ALA A 65 -0.57 1.14 -19.58
CA ALA A 65 0.13 0.36 -18.54
C ALA A 65 0.58 -0.99 -19.13
N VAL A 66 0.17 -2.10 -18.50
CA VAL A 66 0.49 -3.43 -19.02
C VAL A 66 -0.77 -4.12 -19.55
N ASP A 67 -1.86 -3.34 -19.65
CA ASP A 67 -3.08 -3.80 -20.30
C ASP A 67 -3.73 -4.99 -19.62
N GLN A 68 -3.65 -5.04 -18.28
CA GLN A 68 -4.25 -6.15 -17.59
C GLN A 68 -5.76 -6.11 -17.72
N TYR A 69 -6.33 -4.94 -18.02
CA TYR A 69 -7.78 -4.89 -18.24
C TYR A 69 -8.21 -5.87 -19.31
N HIS A 70 -7.41 -6.00 -20.37
CA HIS A 70 -7.71 -6.96 -21.43
C HIS A 70 -7.01 -8.31 -21.25
N ARG A 71 -5.86 -8.32 -20.58
CA ARG A 71 -4.99 -9.51 -20.62
C ARG A 71 -5.03 -10.36 -19.33
N PHE A 72 -6.03 -10.14 -18.50
CA PHE A 72 -6.03 -10.77 -17.18
C PHE A 72 -6.04 -12.29 -17.21
N GLU A 73 -6.62 -12.89 -18.25
CA GLU A 73 -6.62 -14.35 -18.26
C GLU A 73 -5.20 -14.91 -18.47
N GLU A 74 -4.43 -14.28 -19.35
CA GLU A 74 -3.03 -14.67 -19.54
C GLU A 74 -2.31 -14.55 -18.19
N ASP A 75 -2.47 -13.40 -17.53
CA ASP A 75 -1.75 -13.15 -16.29
C ASP A 75 -2.15 -14.15 -15.20
N ILE A 76 -3.41 -14.58 -15.20
CA ILE A 76 -3.88 -15.61 -14.25
C ILE A 76 -3.14 -16.92 -14.49
N GLN A 77 -2.90 -17.24 -15.75
CA GLN A 77 -2.11 -18.42 -16.07
C GLN A 77 -0.69 -18.26 -15.55
N LEU A 78 -0.12 -17.05 -15.67
CA LEU A 78 1.25 -16.82 -15.19
C LEU A 78 1.36 -16.96 -13.66
N MET A 79 0.27 -16.65 -12.96
CA MET A 79 0.19 -16.89 -11.50
C MET A 79 0.10 -18.38 -11.17
N ALA A 80 -0.79 -19.06 -11.89
CA ALA A 80 -1.02 -20.50 -11.66
C ALA A 80 0.27 -21.28 -11.97
N ASP A 81 1.08 -20.76 -12.92
CA ASP A 81 2.38 -21.36 -13.26
C ASP A 81 3.35 -21.45 -12.08
N MET A 82 3.17 -20.58 -11.09
CA MET A 82 3.99 -20.65 -9.86
C MET A 82 3.33 -21.39 -8.69
N GLY A 83 2.06 -21.72 -8.85
CA GLY A 83 1.26 -22.34 -7.79
C GLY A 83 0.74 -21.33 -6.77
N MET A 84 0.57 -20.06 -7.17
CA MET A 84 0.06 -19.02 -6.24
C MET A 84 -1.33 -19.39 -5.69
N ASP A 85 -1.58 -19.09 -4.41
CA ASP A 85 -2.86 -19.39 -3.75
C ASP A 85 -3.84 -18.22 -3.92
N ALA A 86 -3.30 -17.02 -4.14
CA ALA A 86 -4.11 -15.79 -4.11
C ALA A 86 -3.53 -14.71 -5.00
N TYR A 87 -4.36 -13.71 -5.31
CA TYR A 87 -3.93 -12.52 -6.03
C TYR A 87 -4.56 -11.33 -5.38
N ARG A 88 -3.72 -10.34 -5.06
CA ARG A 88 -4.22 -9.08 -4.52
C ARG A 88 -4.35 -8.13 -5.69
N PHE A 89 -5.53 -7.56 -5.86
CA PHE A 89 -5.74 -6.61 -6.94
C PHE A 89 -6.68 -5.54 -6.41
N SER A 90 -6.72 -4.38 -7.03
CA SER A 90 -7.67 -3.36 -6.57
C SER A 90 -8.80 -3.13 -7.56
N ILE A 91 -9.93 -2.66 -7.03
CA ILE A 91 -11.02 -2.13 -7.86
C ILE A 91 -10.82 -0.62 -8.09
N ALA A 92 -10.92 -0.21 -9.34
CA ALA A 92 -10.85 1.21 -9.69
C ALA A 92 -12.26 1.78 -9.36
N TRP A 93 -12.33 2.63 -8.35
CA TRP A 93 -13.58 3.25 -7.89
C TRP A 93 -14.25 3.88 -9.13
N SER A 94 -13.44 4.54 -9.97
CA SER A 94 -14.00 5.20 -11.17
C SER A 94 -14.58 4.30 -12.27
N ARG A 95 -14.37 2.98 -12.16
CA ARG A 95 -15.06 2.03 -13.03
C ARG A 95 -16.42 1.61 -12.50
N ILE A 96 -16.61 1.74 -11.19
CA ILE A 96 -17.89 1.46 -10.55
C ILE A 96 -18.76 2.72 -10.50
N TYR A 97 -18.20 3.81 -9.99
CA TYR A 97 -18.87 5.12 -10.04
C TYR A 97 -17.94 6.11 -10.73
N PRO A 98 -18.10 6.30 -12.05
CA PRO A 98 -17.18 7.17 -12.78
C PRO A 98 -17.13 8.57 -12.20
N ASN A 99 -18.21 9.01 -11.57
CA ASN A 99 -18.24 10.30 -10.89
C ASN A 99 -18.15 10.23 -9.36
N GLY A 100 -17.69 9.09 -8.84
CA GLY A 100 -17.49 8.89 -7.39
C GLY A 100 -18.78 8.52 -6.68
N VAL A 101 -19.83 9.27 -6.98
CA VAL A 101 -21.18 8.95 -6.52
C VAL A 101 -22.10 9.01 -7.76
N GLY A 102 -23.36 8.66 -7.58
CA GLY A 102 -24.32 8.86 -8.69
C GLY A 102 -24.59 7.59 -9.45
N GLN A 103 -24.34 7.62 -10.76
CA GLN A 103 -24.76 6.53 -11.61
C GLN A 103 -23.75 5.38 -11.51
N VAL A 104 -24.25 4.17 -11.23
CA VAL A 104 -23.41 2.97 -11.18
C VAL A 104 -23.08 2.54 -12.61
N ASN A 105 -21.84 2.12 -12.85
CA ASN A 105 -21.40 1.74 -14.19
C ASN A 105 -21.40 0.23 -14.31
N GLN A 106 -22.44 -0.32 -14.95
CA GLN A 106 -22.61 -1.76 -14.99
C GLN A 106 -21.43 -2.48 -15.64
N ALA A 107 -20.80 -1.82 -16.63
CA ALA A 107 -19.65 -2.45 -17.30
C ALA A 107 -18.47 -2.65 -16.36
N GLY A 108 -18.36 -1.81 -15.32
CA GLY A 108 -17.31 -1.95 -14.31
C GLY A 108 -17.58 -3.16 -13.43
N ILE A 109 -18.83 -3.29 -13.00
CA ILE A 109 -19.26 -4.46 -12.26
C ILE A 109 -18.98 -5.73 -13.07
N ASP A 110 -19.40 -5.73 -14.34
CA ASP A 110 -19.23 -6.92 -15.21
C ASP A 110 -17.75 -7.27 -15.34
N HIS A 111 -16.90 -6.23 -15.43
CA HIS A 111 -15.47 -6.46 -15.61
C HIS A 111 -14.88 -7.21 -14.43
N TYR A 112 -15.09 -6.67 -13.22
CA TYR A 112 -14.52 -7.30 -12.03
C TYR A 112 -15.14 -8.65 -11.74
N ASN A 113 -16.43 -8.82 -12.06
CA ASN A 113 -17.01 -10.19 -11.97
C ASN A 113 -16.27 -11.20 -12.84
N LYS A 114 -15.94 -10.82 -14.08
CA LYS A 114 -15.15 -11.70 -14.95
C LYS A 114 -13.77 -12.02 -14.37
N LEU A 115 -13.13 -11.00 -13.78
CA LEU A 115 -11.78 -11.17 -13.22
C LEU A 115 -11.85 -12.11 -12.01
N ILE A 116 -12.83 -11.85 -11.16
CA ILE A 116 -13.01 -12.64 -9.92
C ILE A 116 -13.33 -14.11 -10.28
N ASP A 117 -14.21 -14.30 -11.26
CA ASP A 117 -14.63 -15.67 -11.64
C ASP A 117 -13.47 -16.43 -12.28
N ALA A 118 -12.70 -15.74 -13.14
CA ALA A 118 -11.50 -16.29 -13.77
C ALA A 118 -10.47 -16.73 -12.73
N LEU A 119 -10.23 -15.90 -11.71
CA LEU A 119 -9.31 -16.26 -10.62
C LEU A 119 -9.78 -17.51 -9.90
N LEU A 120 -11.04 -17.50 -9.49
CA LEU A 120 -11.60 -18.61 -8.71
C LEU A 120 -11.64 -19.89 -9.51
N ALA A 121 -11.85 -19.80 -10.81
CA ALA A 121 -11.86 -21.01 -11.67
C ALA A 121 -10.46 -21.65 -11.73
N LYS A 122 -9.41 -20.86 -11.49
CA LYS A 122 -8.04 -21.40 -11.44
C LYS A 122 -7.61 -21.78 -10.03
N GLY A 123 -8.51 -21.61 -9.08
CA GLY A 123 -8.22 -21.92 -7.67
C GLY A 123 -7.39 -20.85 -6.98
N ILE A 124 -7.47 -19.62 -7.49
CA ILE A 124 -6.71 -18.51 -6.91
C ILE A 124 -7.68 -17.59 -6.19
N GLN A 125 -7.43 -17.34 -4.90
CA GLN A 125 -8.33 -16.53 -4.09
C GLN A 125 -8.14 -15.03 -4.32
N PRO A 126 -9.25 -14.30 -4.54
CA PRO A 126 -9.14 -12.83 -4.69
C PRO A 126 -9.02 -12.10 -3.36
N TYR A 127 -7.98 -11.26 -3.22
CA TYR A 127 -7.81 -10.34 -2.08
C TYR A 127 -7.96 -8.96 -2.67
N VAL A 128 -9.06 -8.28 -2.32
CA VAL A 128 -9.44 -7.08 -3.08
C VAL A 128 -9.24 -5.79 -2.30
N THR A 129 -8.44 -4.89 -2.86
CA THR A 129 -8.23 -3.54 -2.30
C THR A 129 -9.28 -2.60 -2.89
N LEU A 130 -10.06 -1.93 -2.05
CA LEU A 130 -11.10 -1.05 -2.57
C LEU A 130 -10.49 0.27 -3.00
N TYR A 131 -9.54 0.77 -2.22
CA TYR A 131 -8.92 2.06 -2.57
C TYR A 131 -7.40 1.97 -2.70
N HIS A 132 -6.92 2.03 -3.93
CA HIS A 132 -5.47 2.01 -4.14
C HIS A 132 -5.13 3.30 -4.92
N TRP A 133 -5.59 4.41 -4.36
CA TRP A 133 -5.10 5.77 -4.61
C TRP A 133 -5.79 6.50 -5.78
N ASP A 134 -6.67 5.80 -6.49
CA ASP A 134 -7.31 6.35 -7.66
C ASP A 134 -8.70 6.91 -7.36
N LEU A 135 -8.75 7.96 -6.55
CA LEU A 135 -10.00 8.71 -6.31
C LEU A 135 -10.57 9.28 -7.61
N PRO A 136 -11.88 9.13 -7.85
CA PRO A 136 -12.49 9.84 -8.98
C PRO A 136 -12.27 11.37 -8.97
N GLN A 137 -11.90 11.92 -10.12
CA GLN A 137 -11.61 13.33 -10.19
C GLN A 137 -12.85 14.14 -9.86
N ALA A 138 -14.03 13.61 -10.18
CA ALA A 138 -15.28 14.33 -9.87
C ALA A 138 -15.38 14.72 -8.37
N LEU A 139 -14.89 13.86 -7.48
CA LEU A 139 -14.93 14.12 -6.04
C LEU A 139 -13.85 15.12 -5.60
N GLU A 140 -12.71 15.08 -6.28
CA GLU A 140 -11.68 16.11 -6.08
C GLU A 140 -12.20 17.50 -6.49
N ASP A 141 -12.90 17.56 -7.61
CA ASP A 141 -13.46 18.83 -8.08
C ASP A 141 -14.61 19.29 -7.17
N LYS A 142 -15.45 18.36 -6.75
CA LYS A 142 -16.65 18.68 -5.97
C LYS A 142 -16.33 19.27 -4.61
N TYR A 143 -15.40 18.63 -3.89
CA TYR A 143 -15.10 19.01 -2.49
C TYR A 143 -13.65 18.74 -2.04
N LYS A 144 -12.73 18.65 -3.00
CA LYS A 144 -11.30 18.42 -2.71
C LYS A 144 -11.10 17.08 -2.02
N GLY A 145 -11.92 16.10 -2.40
CA GLY A 145 -11.63 14.71 -2.12
C GLY A 145 -11.45 14.46 -0.65
N TRP A 146 -10.32 13.87 -0.28
CA TRP A 146 -10.07 13.41 1.11
C TRP A 146 -10.01 14.54 2.14
N LEU A 147 -9.99 15.78 1.66
CA LEU A 147 -10.01 16.95 2.54
C LEU A 147 -11.37 17.21 3.14
N ASP A 148 -12.42 16.60 2.58
CA ASP A 148 -13.78 16.90 3.04
C ASP A 148 -14.42 15.70 3.70
N ARG A 149 -15.11 15.95 4.83
CA ARG A 149 -15.81 14.88 5.53
C ARG A 149 -16.78 14.10 4.65
N GLN A 150 -17.26 14.70 3.55
CA GLN A 150 -18.21 13.99 2.67
C GLN A 150 -17.57 12.74 2.09
N ILE A 151 -16.25 12.73 2.00
CA ILE A 151 -15.55 11.55 1.48
C ILE A 151 -15.89 10.28 2.24
N VAL A 152 -16.18 10.43 3.53
CA VAL A 152 -16.44 9.29 4.40
C VAL A 152 -17.65 8.51 3.94
N ASP A 153 -18.80 9.18 3.85
CA ASP A 153 -20.01 8.51 3.35
C ASP A 153 -19.91 8.08 1.89
N ASP A 154 -19.19 8.85 1.08
CA ASP A 154 -19.07 8.52 -0.34
C ASP A 154 -18.21 7.27 -0.54
N PHE A 155 -17.14 7.17 0.23
CA PHE A 155 -16.31 5.95 0.19
C PHE A 155 -17.12 4.77 0.70
N ALA A 156 -17.76 4.94 1.87
CA ALA A 156 -18.57 3.84 2.42
C ALA A 156 -19.66 3.34 1.46
N ALA A 157 -20.28 4.25 0.69
CA ALA A 157 -21.29 3.85 -0.31
C ALA A 157 -20.69 3.02 -1.46
N TYR A 158 -19.50 3.43 -1.89
CA TYR A 158 -18.75 2.71 -2.90
C TYR A 158 -18.38 1.34 -2.36
N ALA A 159 -17.80 1.31 -1.15
CA ALA A 159 -17.52 0.03 -0.48
C ALA A 159 -18.74 -0.90 -0.42
N GLU A 160 -19.90 -0.33 -0.04
CA GLU A 160 -21.11 -1.13 0.05
C GLU A 160 -21.48 -1.75 -1.28
N THR A 161 -21.37 -0.96 -2.34
CA THR A 161 -21.70 -1.48 -3.66
C THR A 161 -20.81 -2.67 -3.98
N CYS A 162 -19.53 -2.59 -3.63
CA CYS A 162 -18.62 -3.72 -3.87
C CYS A 162 -18.96 -4.93 -3.02
N PHE A 163 -19.30 -4.71 -1.75
CA PHE A 163 -19.74 -5.82 -0.90
C PHE A 163 -20.95 -6.51 -1.54
N ARG A 164 -21.94 -5.73 -1.96
CA ARG A 164 -23.17 -6.27 -2.54
C ARG A 164 -22.89 -7.07 -3.82
N GLU A 165 -22.05 -6.49 -4.70
CA GLU A 165 -21.83 -7.09 -6.02
C GLU A 165 -20.85 -8.25 -5.99
N PHE A 166 -19.87 -8.20 -5.09
CA PHE A 166 -18.75 -9.16 -5.19
C PHE A 166 -18.52 -10.00 -3.95
N GLY A 167 -19.19 -9.65 -2.85
CA GLY A 167 -18.91 -10.24 -1.55
C GLY A 167 -19.35 -11.69 -1.38
N ASP A 168 -20.20 -12.17 -2.30
CA ASP A 168 -20.53 -13.60 -2.33
C ASP A 168 -19.31 -14.48 -2.67
N ARG A 169 -18.34 -13.89 -3.37
CA ARG A 169 -17.11 -14.59 -3.78
C ARG A 169 -15.84 -14.02 -3.12
N VAL A 170 -15.77 -12.71 -2.95
CA VAL A 170 -14.60 -12.08 -2.34
C VAL A 170 -14.77 -12.11 -0.83
N LYS A 171 -13.82 -12.75 -0.14
CA LYS A 171 -13.90 -12.93 1.32
C LYS A 171 -12.82 -12.16 2.05
N HIS A 172 -11.94 -11.52 1.30
CA HIS A 172 -10.82 -10.79 1.89
C HIS A 172 -10.76 -9.41 1.26
N TRP A 173 -11.06 -8.39 2.09
CA TRP A 173 -11.11 -7.00 1.67
C TRP A 173 -10.08 -6.16 2.36
N ILE A 174 -9.45 -5.30 1.56
CA ILE A 174 -8.49 -4.33 2.04
C ILE A 174 -9.11 -3.00 1.66
N THR A 175 -9.54 -2.23 2.66
CA THR A 175 -10.34 -1.04 2.33
C THR A 175 -9.42 0.00 1.69
N LEU A 176 -8.25 0.21 2.29
CA LEU A 176 -7.35 1.30 1.91
C LEU A 176 -5.91 0.80 1.78
N ASN A 177 -5.22 1.31 0.77
CA ASN A 177 -3.80 1.01 0.62
C ASN A 177 -2.94 2.18 1.07
N GLU A 178 -2.12 1.95 2.09
CA GLU A 178 -1.09 2.93 2.53
C GLU A 178 -1.63 4.34 2.75
N PRO A 179 -2.59 4.49 3.69
CA PRO A 179 -3.08 5.84 3.99
C PRO A 179 -1.96 6.79 4.43
N HIS A 180 -0.93 6.26 5.11
CA HIS A 180 0.23 7.06 5.56
C HIS A 180 0.92 7.67 4.35
N THR A 181 1.21 6.84 3.36
CA THR A 181 1.85 7.31 2.11
C THR A 181 1.01 8.38 1.43
N VAL A 182 -0.28 8.11 1.30
CA VAL A 182 -1.15 9.08 0.65
C VAL A 182 -1.11 10.42 1.40
N ALA A 183 -1.28 10.39 2.73
CA ALA A 183 -1.37 11.62 3.51
C ALA A 183 -0.09 12.46 3.40
N ILE A 184 1.06 11.79 3.40
CA ILE A 184 2.36 12.48 3.39
C ILE A 184 2.75 12.84 1.96
N GLN A 185 2.76 11.85 1.08
CA GLN A 185 3.18 12.11 -0.30
C GLN A 185 2.20 12.99 -1.08
N GLY A 186 0.91 12.91 -0.74
CA GLY A 186 -0.13 13.61 -1.49
C GLY A 186 -0.34 15.02 -0.98
N TYR A 187 -0.02 15.25 0.30
CA TYR A 187 -0.44 16.49 0.99
C TYR A 187 0.63 17.18 1.84
N ASP A 188 1.79 16.55 2.00
CA ASP A 188 2.92 17.15 2.67
C ASP A 188 4.03 17.42 1.67
N ALA A 189 4.51 16.36 1.00
CA ALA A 189 5.53 16.50 -0.03
C ALA A 189 4.96 16.92 -1.37
N GLY A 190 3.69 16.62 -1.62
CA GLY A 190 3.07 16.87 -2.93
C GLY A 190 3.73 16.16 -4.10
N LEU A 191 4.27 14.97 -3.85
CA LEU A 191 4.93 14.16 -4.87
C LEU A 191 4.03 13.08 -5.50
N GLN A 192 2.88 12.85 -4.88
CA GLN A 192 1.86 11.98 -5.42
C GLN A 192 0.53 12.76 -5.50
N ALA A 193 -0.40 12.27 -6.30
CA ALA A 193 -1.72 12.92 -6.48
C ALA A 193 -2.43 13.10 -5.14
N PRO A 194 -3.10 14.25 -4.93
CA PRO A 194 -3.27 15.35 -5.87
C PRO A 194 -2.15 16.40 -5.90
N GLY A 195 -1.01 16.12 -5.28
CA GLY A 195 0.15 17.01 -5.44
C GLY A 195 0.08 18.32 -4.67
N ARG A 196 -0.48 18.26 -3.47
CA ARG A 196 -0.68 19.45 -2.65
C ARG A 196 0.39 19.55 -1.59
N CYS A 197 0.75 20.78 -1.21
CA CYS A 197 1.69 20.98 -0.12
C CYS A 197 1.82 22.49 0.17
N SER A 198 2.54 22.84 1.24
CA SER A 198 2.90 24.25 1.49
C SER A 198 3.86 24.73 0.41
N VAL A 199 3.41 25.68 -0.40
CA VAL A 199 4.27 26.18 -1.49
C VAL A 199 5.60 26.73 -0.95
N LEU A 200 5.60 27.24 0.29
CA LEU A 200 6.83 27.73 0.91
C LEU A 200 7.84 26.63 1.24
N LEU A 201 7.36 25.40 1.38
CA LEU A 201 8.24 24.25 1.56
C LEU A 201 8.67 23.60 0.25
N HIS A 202 7.72 23.51 -0.70
CA HIS A 202 8.03 22.94 -2.01
C HIS A 202 7.41 23.78 -3.08
N LEU A 203 8.28 24.43 -3.87
CA LEU A 203 7.84 25.43 -4.84
C LEU A 203 6.97 24.87 -5.95
N TYR A 204 7.08 23.57 -6.22
CA TYR A 204 6.37 22.93 -7.32
C TYR A 204 4.86 22.75 -7.09
N CYS A 205 4.40 22.84 -5.84
CA CYS A 205 2.96 22.69 -5.54
C CYS A 205 2.15 23.93 -5.88
N LYS A 206 0.92 23.73 -6.32
CA LYS A 206 0.04 24.84 -6.71
C LYS A 206 -0.76 25.35 -5.52
N ALA A 207 -1.03 24.48 -4.56
CA ALA A 207 -1.77 24.85 -3.35
C ALA A 207 -1.60 23.79 -2.27
N GLY A 208 -2.05 24.11 -1.06
CA GLY A 208 -2.03 23.12 0.04
C GLY A 208 -1.41 23.67 1.30
N ASN A 209 -1.23 22.79 2.27
CA ASN A 209 -0.71 23.16 3.58
C ASN A 209 -0.16 21.88 4.23
N SER A 210 1.16 21.79 4.27
CA SER A 210 1.84 20.56 4.70
C SER A 210 1.71 20.31 6.18
N GLY A 211 1.33 21.36 6.91
CA GLY A 211 1.18 21.30 8.36
C GLY A 211 -0.19 20.83 8.80
N THR A 212 -1.21 21.06 7.97
CA THR A 212 -2.59 20.76 8.38
C THR A 212 -3.21 19.65 7.56
N GLU A 213 -3.02 19.67 6.23
CA GLU A 213 -3.81 18.78 5.37
C GLU A 213 -3.52 17.29 5.55
N PRO A 214 -2.24 16.90 5.78
CA PRO A 214 -2.03 15.45 6.01
C PRO A 214 -2.85 14.90 7.19
N TYR A 215 -2.98 15.67 8.27
CA TYR A 215 -3.75 15.20 9.42
C TYR A 215 -5.26 15.12 9.14
N VAL A 216 -5.77 16.06 8.34
CA VAL A 216 -7.20 16.02 7.92
C VAL A 216 -7.48 14.79 7.06
N VAL A 217 -6.66 14.59 6.03
CA VAL A 217 -6.76 13.42 5.15
C VAL A 217 -6.69 12.10 5.95
N ALA A 218 -5.68 11.98 6.82
CA ALA A 218 -5.54 10.77 7.65
C ALA A 218 -6.78 10.51 8.49
N HIS A 219 -7.31 11.56 9.11
CA HIS A 219 -8.53 11.43 9.92
C HIS A 219 -9.68 10.87 9.08
N HIS A 220 -9.87 11.44 7.90
CA HIS A 220 -10.90 11.00 6.97
C HIS A 220 -10.70 9.57 6.47
N PHE A 221 -9.46 9.17 6.19
CA PHE A 221 -9.18 7.74 5.91
C PHE A 221 -9.66 6.82 7.02
N ILE A 222 -9.33 7.21 8.26
CA ILE A 222 -9.70 6.38 9.42
C ILE A 222 -11.20 6.27 9.54
N LEU A 223 -11.88 7.42 9.48
CA LEU A 223 -13.36 7.40 9.49
C LEU A 223 -14.02 6.66 8.32
N ALA A 224 -13.48 6.85 7.10
CA ALA A 224 -13.94 6.12 5.91
C ALA A 224 -13.85 4.60 6.08
N HIS A 225 -12.70 4.12 6.58
CA HIS A 225 -12.57 2.70 6.85
C HIS A 225 -13.65 2.25 7.85
N ALA A 226 -13.80 3.00 8.95
CA ALA A 226 -14.73 2.62 10.02
C ALA A 226 -16.15 2.62 9.49
N ALA A 227 -16.47 3.58 8.62
CA ALA A 227 -17.81 3.64 8.03
C ALA A 227 -18.10 2.42 7.17
N ALA A 228 -17.13 2.02 6.32
CA ALA A 228 -17.27 0.81 5.48
C ALA A 228 -17.32 -0.46 6.33
N ALA A 229 -16.51 -0.52 7.39
CA ALA A 229 -16.49 -1.68 8.30
C ALA A 229 -17.81 -1.85 9.06
N SER A 230 -18.37 -0.73 9.51
CA SER A 230 -19.67 -0.75 10.15
C SER A 230 -20.74 -1.35 9.21
N ILE A 231 -20.77 -0.91 7.95
CA ILE A 231 -21.70 -1.46 6.95
C ILE A 231 -21.44 -2.94 6.75
N TYR A 232 -20.17 -3.29 6.58
CA TYR A 232 -19.86 -4.68 6.38
C TYR A 232 -20.36 -5.58 7.53
N ARG A 233 -20.01 -5.21 8.77
CA ARG A 233 -20.36 -6.02 9.93
CA ARG A 233 -20.37 -5.99 9.97
C ARG A 233 -21.88 -6.10 10.17
N THR A 234 -22.57 -4.97 9.98
CA THR A 234 -24.02 -4.94 10.22
CA THR A 234 -24.04 -4.87 10.17
C THR A 234 -24.86 -5.63 9.14
N LYS A 235 -24.43 -5.59 7.89
CA LYS A 235 -25.25 -6.07 6.78
C LYS A 235 -24.74 -7.24 5.98
N TYR A 236 -23.42 -7.46 5.92
CA TYR A 236 -22.84 -8.41 4.96
C TYR A 236 -22.06 -9.55 5.60
N LYS A 237 -21.38 -9.25 6.71
CA LYS A 237 -20.46 -10.24 7.30
C LYS A 237 -21.15 -11.55 7.72
N ALA A 238 -22.33 -11.46 8.31
CA ALA A 238 -22.99 -12.68 8.80
C ALA A 238 -23.26 -13.64 7.65
N THR A 239 -23.67 -13.12 6.49
CA THR A 239 -23.97 -14.00 5.35
C THR A 239 -22.76 -14.28 4.48
N GLN A 240 -21.86 -13.29 4.30
CA GLN A 240 -20.72 -13.47 3.41
C GLN A 240 -19.51 -14.11 4.06
N ASN A 241 -19.37 -13.94 5.36
CA ASN A 241 -18.28 -14.55 6.11
C ASN A 241 -16.86 -14.23 5.69
N GLY A 242 -16.66 -12.98 5.31
CA GLY A 242 -15.34 -12.52 4.91
C GLY A 242 -14.75 -11.67 6.01
N GLN A 243 -13.69 -10.94 5.67
CA GLN A 243 -12.98 -10.13 6.63
C GLN A 243 -12.45 -8.87 5.96
N LEU A 244 -12.32 -7.82 6.75
CA LEU A 244 -11.87 -6.50 6.30
C LEU A 244 -10.61 -6.06 7.00
N GLY A 245 -9.65 -5.55 6.23
CA GLY A 245 -8.44 -4.97 6.79
C GLY A 245 -7.97 -3.76 6.01
N ILE A 246 -6.74 -3.32 6.30
CA ILE A 246 -6.08 -2.17 5.65
C ILE A 246 -4.64 -2.54 5.38
N ALA A 247 -4.04 -2.04 4.31
CA ALA A 247 -2.62 -2.30 4.07
C ALA A 247 -1.85 -1.05 4.48
N PHE A 248 -1.05 -1.16 5.54
CA PHE A 248 -0.29 -0.04 6.08
C PHE A 248 1.14 -0.08 5.53
N ASP A 249 1.65 1.07 5.08
CA ASP A 249 3.08 1.14 4.72
C ASP A 249 3.91 1.25 5.98
N VAL A 250 4.88 0.34 6.14
CA VAL A 250 5.64 0.33 7.39
C VAL A 250 7.11 -0.01 7.13
N MET A 251 7.95 1.00 7.25
CA MET A 251 9.40 0.78 7.42
C MET A 251 9.64 0.40 8.88
N TRP A 252 10.64 -0.43 9.10
CA TRP A 252 11.13 -0.67 10.43
C TRP A 252 12.15 0.43 10.74
N PHE A 253 12.20 0.87 12.01
CA PHE A 253 13.15 1.91 12.44
C PHE A 253 14.01 1.35 13.56
N GLU A 254 15.32 1.50 13.38
CA GLU A 254 16.30 1.09 14.38
C GLU A 254 16.97 2.35 14.92
N PRO A 255 17.38 2.36 16.20
CA PRO A 255 18.05 3.59 16.67
C PRO A 255 19.38 3.89 15.95
N MET A 256 19.65 5.14 15.62
CA MET A 256 20.91 5.49 14.95
C MET A 256 22.13 5.34 15.88
N SER A 257 21.88 5.28 17.19
CA SER A 257 22.93 5.08 18.19
C SER A 257 22.34 4.38 19.39
N ASN A 258 23.19 3.78 20.20
CA ASN A 258 22.71 3.03 21.37
C ASN A 258 22.61 4.02 22.53
N THR A 259 21.68 4.96 22.40
CA THR A 259 21.38 5.96 23.43
C THR A 259 19.86 5.95 23.63
N THR A 260 19.41 6.16 24.87
CA THR A 260 17.99 6.13 25.11
C THR A 260 17.27 7.18 24.28
N ILE A 261 17.90 8.33 24.04
CA ILE A 261 17.25 9.35 23.21
C ILE A 261 16.92 8.81 21.79
N ASP A 262 17.85 8.07 21.21
CA ASP A 262 17.62 7.54 19.85
C ASP A 262 16.75 6.29 19.83
N ILE A 263 16.87 5.47 20.87
CA ILE A 263 15.95 4.35 21.06
C ILE A 263 14.51 4.87 21.13
N GLU A 264 14.27 5.88 21.98
CA GLU A 264 12.94 6.52 22.03
C GLU A 264 12.52 7.19 20.71
N ALA A 265 13.48 7.76 19.99
CA ALA A 265 13.21 8.38 18.69
C ALA A 265 12.73 7.35 17.69
N ALA A 266 13.41 6.20 17.61
CA ALA A 266 12.92 5.12 16.71
C ALA A 266 11.52 4.67 17.07
N LYS A 267 11.23 4.54 18.37
CA LYS A 267 9.86 4.19 18.81
C LYS A 267 8.86 5.22 18.39
N ARG A 268 9.21 6.49 18.55
CA ARG A 268 8.34 7.62 18.16
C ARG A 268 8.10 7.66 16.67
N ALA A 269 9.16 7.42 15.90
CA ALA A 269 9.01 7.41 14.43
C ALA A 269 8.01 6.33 14.02
N GLN A 270 8.05 5.19 14.71
CA GLN A 270 7.09 4.11 14.44
C GLN A 270 5.66 4.54 14.80
N GLU A 271 5.50 5.22 15.93
CA GLU A 271 4.17 5.70 16.30
C GLU A 271 3.58 6.68 15.30
N PHE A 272 4.44 7.54 14.73
CA PHE A 272 3.99 8.50 13.74
C PHE A 272 3.74 7.87 12.38
N GLN A 273 4.24 6.65 12.15
CA GLN A 273 4.07 6.00 10.85
C GLN A 273 2.91 5.00 10.88
N LEU A 274 3.05 3.98 11.72
CA LEU A 274 2.00 2.96 11.87
C LEU A 274 0.98 3.41 12.89
N GLY A 275 1.44 3.87 14.06
CA GLY A 275 0.55 4.16 15.20
C GLY A 275 -0.49 5.22 14.86
N TRP A 276 -0.12 6.16 14.00
CA TRP A 276 -1.03 7.21 13.55
C TRP A 276 -2.38 6.61 13.13
N PHE A 277 -2.34 5.45 12.49
CA PHE A 277 -3.54 4.75 12.03
C PHE A 277 -3.95 3.60 12.93
N ALA A 278 -2.98 2.78 13.31
CA ALA A 278 -3.30 1.60 14.07
C ALA A 278 -3.72 1.88 15.53
N ASP A 279 -3.15 2.90 16.17
CA ASP A 279 -3.58 3.20 17.54
C ASP A 279 -5.10 3.56 17.57
N PRO A 280 -5.60 4.41 16.64
CA PRO A 280 -7.07 4.55 16.58
C PRO A 280 -7.85 3.24 16.43
N PHE A 281 -7.43 2.38 15.51
CA PHE A 281 -8.12 1.10 15.29
C PHE A 281 -8.07 0.12 16.45
N PHE A 282 -7.01 0.17 17.26
CA PHE A 282 -6.86 -0.77 18.37
C PHE A 282 -7.26 -0.20 19.74
N PHE A 283 -7.07 1.10 19.91
CA PHE A 283 -7.23 1.78 21.21
C PHE A 283 -8.22 2.95 21.23
N GLY A 284 -8.67 3.40 20.06
CA GLY A 284 -9.72 4.44 19.99
C GLY A 284 -9.20 5.89 19.98
N ASP A 285 -7.89 6.06 19.89
CA ASP A 285 -7.32 7.43 19.79
C ASP A 285 -5.96 7.39 19.15
N TYR A 286 -5.48 8.56 18.72
CA TYR A 286 -4.13 8.69 18.19
C TYR A 286 -3.09 8.44 19.27
N PRO A 287 -1.84 8.12 18.88
CA PRO A 287 -0.79 7.95 19.89
C PRO A 287 -0.59 9.23 20.68
N ALA A 288 -0.33 9.09 21.98
CA ALA A 288 -0.02 10.23 22.85
C ALA A 288 1.09 11.15 22.28
N THR A 289 2.16 10.57 21.71
CA THR A 289 3.25 11.39 21.11
C THR A 289 2.74 12.37 20.09
N MET A 290 1.76 11.91 19.30
CA MET A 290 1.23 12.71 18.20
C MET A 290 0.35 13.82 18.76
N ARG A 291 -0.51 13.46 19.72
CA ARG A 291 -1.32 14.46 20.42
C ARG A 291 -0.43 15.56 21.03
N ALA A 292 0.64 15.15 21.69
CA ALA A 292 1.60 16.08 22.31
C ALA A 292 2.26 17.02 21.29
N ARG A 293 2.68 16.46 20.16
CA ARG A 293 3.52 17.20 19.21
C ARG A 293 2.78 17.94 18.12
N VAL A 294 1.63 17.41 17.74
CA VAL A 294 0.86 17.97 16.65
C VAL A 294 -0.23 18.91 17.21
N GLY A 295 -0.63 18.67 18.45
CA GLY A 295 -1.59 19.54 19.14
C GLY A 295 -2.91 19.76 18.40
N GLU A 296 -3.30 21.02 18.28
CA GLU A 296 -4.61 21.34 17.69
C GLU A 296 -4.72 21.03 16.19
N ARG A 297 -3.58 20.76 15.54
CA ARG A 297 -3.60 20.38 14.12
C ARG A 297 -4.02 18.92 13.95
N LEU A 298 -4.07 18.18 15.06
CA LEU A 298 -4.47 16.77 15.01
C LEU A 298 -5.93 16.70 15.41
N PRO A 299 -6.82 16.27 14.48
CA PRO A 299 -8.25 16.20 14.81
C PRO A 299 -8.57 15.29 16.00
N ARG A 300 -9.70 15.52 16.65
CA ARG A 300 -10.13 14.65 17.75
C ARG A 300 -11.32 13.81 17.37
N PHE A 301 -11.33 12.54 17.75
CA PHE A 301 -12.54 11.72 17.53
C PHE A 301 -13.58 12.07 18.57
N THR A 302 -14.85 12.11 18.18
CA THR A 302 -15.93 12.15 19.17
C THR A 302 -16.01 10.77 19.83
N ALA A 303 -16.74 10.68 20.94
CA ALA A 303 -16.94 9.38 21.58
C ALA A 303 -17.66 8.38 20.66
N ASP A 304 -18.65 8.82 19.87
CA ASP A 304 -19.33 7.90 18.94
C ASP A 304 -18.43 7.44 17.79
N GLU A 305 -17.56 8.33 17.32
CA GLU A 305 -16.58 7.99 16.29
C GLU A 305 -15.54 7.01 16.83
N ALA A 306 -15.03 7.26 18.04
CA ALA A 306 -14.07 6.34 18.67
C ALA A 306 -14.67 4.93 18.79
N ALA A 307 -15.98 4.88 19.02
CA ALA A 307 -16.65 3.59 19.23
C ALA A 307 -16.82 2.82 17.92
N VAL A 308 -16.86 3.52 16.79
CA VAL A 308 -16.95 2.82 15.50
C VAL A 308 -15.55 2.50 14.95
N VAL A 309 -14.58 3.34 15.30
CA VAL A 309 -13.19 3.17 14.86
C VAL A 309 -12.43 2.06 15.61
N LYS A 310 -12.57 2.02 16.93
CA LYS A 310 -11.85 1.00 17.73
C LYS A 310 -12.42 -0.39 17.44
N GLY A 311 -11.53 -1.33 17.12
CA GLY A 311 -11.97 -2.68 16.72
C GLY A 311 -12.37 -2.85 15.26
N ALA A 312 -12.17 -1.82 14.42
CA ALA A 312 -12.66 -1.85 13.02
C ALA A 312 -11.87 -2.74 12.03
N LEU A 313 -10.73 -3.24 12.45
CA LEU A 313 -9.94 -4.17 11.64
C LEU A 313 -10.16 -5.65 12.02
N ASP A 314 -10.30 -6.53 11.03
CA ASP A 314 -10.24 -7.99 11.25
C ASP A 314 -8.79 -8.47 11.12
N PHE A 315 -8.03 -7.79 10.29
CA PHE A 315 -6.61 -8.13 10.15
C PHE A 315 -5.80 -6.87 9.87
N VAL A 316 -4.49 -6.98 10.07
CA VAL A 316 -3.57 -5.91 9.76
C VAL A 316 -2.80 -6.33 8.51
N GLY A 317 -2.93 -5.58 7.43
CA GLY A 317 -2.04 -5.75 6.27
C GLY A 317 -0.80 -4.90 6.44
N ILE A 318 0.37 -5.52 6.20
CA ILE A 318 1.64 -4.84 6.28
C ILE A 318 2.28 -4.81 4.88
N ASN A 319 2.53 -3.61 4.36
CA ASN A 319 3.40 -3.41 3.21
C ASN A 319 4.78 -3.08 3.75
N HIS A 320 5.70 -4.05 3.71
CA HIS A 320 6.99 -3.82 4.36
C HIS A 320 8.06 -4.08 3.35
N TYR A 321 8.99 -3.13 3.23
CA TYR A 321 10.09 -3.24 2.29
C TYR A 321 11.46 -3.05 2.92
N THR A 322 11.57 -2.12 3.87
CA THR A 322 12.90 -1.64 4.24
C THR A 322 12.95 -1.18 5.71
N THR A 323 14.16 -0.89 6.16
CA THR A 323 14.47 -0.48 7.52
C THR A 323 15.45 0.70 7.43
N TYR A 324 15.19 1.73 8.22
CA TYR A 324 16.07 2.89 8.32
C TYR A 324 16.52 3.04 9.75
N TYR A 325 17.58 3.84 9.94
CA TYR A 325 18.00 4.30 11.25
C TYR A 325 17.25 5.57 11.57
N THR A 326 17.02 5.79 12.85
CA THR A 326 16.30 6.99 13.31
C THR A 326 17.08 7.66 14.44
N ARG A 327 17.24 8.97 14.32
CA ARG A 327 17.76 9.75 15.43
C ARG A 327 16.75 10.81 15.85
N HIS A 328 16.88 11.19 17.11
CA HIS A 328 16.19 12.37 17.64
C HIS A 328 16.55 13.62 16.83
N ASN A 329 15.60 14.53 16.65
CA ASN A 329 15.87 15.75 15.92
C ASN A 329 15.03 16.88 16.47
N ASN A 330 15.66 18.05 16.59
CA ASN A 330 14.98 19.30 16.95
C ASN A 330 15.04 20.20 15.76
N THR A 331 13.89 20.75 15.37
CA THR A 331 13.84 21.74 14.30
C THR A 331 14.66 22.95 14.75
N ASN A 332 15.23 23.67 13.78
CA ASN A 332 16.04 24.85 14.07
CA ASN A 332 16.05 24.83 14.09
C ASN A 332 15.28 25.87 14.90
N ILE A 333 15.78 26.17 16.11
CA ILE A 333 15.13 27.15 17.01
C ILE A 333 15.05 28.56 16.41
N ILE A 334 16.03 28.90 15.57
CA ILE A 334 16.01 30.17 14.87
C ILE A 334 15.67 29.90 13.39
N GLY A 335 14.60 30.53 12.91
CA GLY A 335 14.14 30.34 11.54
C GLY A 335 12.63 30.31 11.48
N THR A 336 12.09 30.71 10.32
CA THR A 336 10.65 30.71 10.09
C THR A 336 10.13 29.26 10.09
N LEU A 337 9.26 28.96 11.05
CA LEU A 337 8.71 27.60 11.22
C LEU A 337 7.63 27.30 10.18
N LEU A 338 7.90 26.32 9.33
CA LEU A 338 6.93 25.89 8.33
C LEU A 338 6.51 24.46 8.65
N ASN A 339 5.35 24.32 9.29
CA ASN A 339 4.92 23.03 9.83
C ASN A 339 4.87 21.95 8.78
N ASN A 340 5.27 20.75 9.17
CA ASN A 340 5.24 19.62 8.24
C ASN A 340 5.33 18.35 9.05
N THR A 341 4.98 17.22 8.45
CA THR A 341 4.82 16.01 9.23
C THR A 341 6.16 15.47 9.77
N LEU A 342 7.24 15.57 9.00
CA LEU A 342 8.52 15.04 9.52
C LEU A 342 9.00 15.88 10.73
N ALA A 343 8.89 17.20 10.61
CA ALA A 343 9.20 18.08 11.74
C ALA A 343 8.40 17.72 12.99
N ASP A 344 7.11 17.40 12.81
CA ASP A 344 6.25 17.04 13.92
C ASP A 344 6.74 15.79 14.64
N THR A 345 7.40 14.89 13.91
CA THR A 345 7.83 13.62 14.56
C THR A 345 8.92 13.83 15.60
N GLY A 346 9.72 14.90 15.46
CA GLY A 346 10.88 15.12 16.34
C GLY A 346 11.97 14.08 16.03
N THR A 347 12.00 13.60 14.79
CA THR A 347 12.97 12.59 14.40
C THR A 347 13.47 12.87 12.99
N VAL A 348 14.61 12.26 12.65
CA VAL A 348 15.04 12.12 11.26
C VAL A 348 15.38 10.65 11.02
N SER A 349 14.83 10.05 9.97
CA SER A 349 15.13 8.64 9.66
C SER A 349 15.82 8.52 8.30
N LEU A 350 16.92 7.77 8.26
CA LEU A 350 17.80 7.72 7.09
C LEU A 350 18.39 6.32 7.00
N PRO A 351 18.68 5.85 5.78
CA PRO A 351 19.31 4.54 5.65
C PRO A 351 20.83 4.51 5.87
N PHE A 352 21.37 5.57 6.46
CA PHE A 352 22.82 5.71 6.70
C PHE A 352 23.14 6.00 8.17
N LYS A 353 24.24 5.42 8.65
CA LYS A 353 24.74 5.67 9.99
C LYS A 353 26.24 5.84 9.87
N ASN A 354 26.73 7.04 10.22
CA ASN A 354 28.15 7.37 10.13
C ASN A 354 28.64 7.17 8.69
N GLY A 355 27.81 7.57 7.73
CA GLY A 355 28.16 7.49 6.29
C GLY A 355 27.92 6.14 5.63
N LYS A 356 27.71 5.09 6.43
CA LYS A 356 27.60 3.72 5.97
C LYS A 356 26.12 3.35 5.76
N PRO A 357 25.77 2.84 4.57
CA PRO A 357 24.37 2.39 4.37
C PRO A 357 23.99 1.18 5.25
N ILE A 358 22.70 1.12 5.57
CA ILE A 358 22.17 0.02 6.40
C ILE A 358 22.20 -1.33 5.68
N GLY A 359 22.31 -1.30 4.35
CA GLY A 359 22.36 -2.52 3.55
C GLY A 359 22.51 -2.18 2.08
N ASP A 360 22.53 -3.22 1.26
CA ASP A 360 22.47 -3.09 -0.18
C ASP A 360 21.19 -2.36 -0.57
N ARG A 361 21.18 -1.71 -1.73
CA ARG A 361 20.00 -1.00 -2.17
C ARG A 361 19.43 -1.67 -3.40
N ALA A 362 18.10 -1.64 -3.53
CA ALA A 362 17.49 -2.05 -4.79
C ALA A 362 17.55 -0.86 -5.76
N ASN A 363 16.85 -0.96 -6.89
CA ASN A 363 16.77 0.17 -7.80
C ASN A 363 16.18 1.45 -7.17
N SER A 364 15.08 1.31 -6.43
CA SER A 364 14.44 2.48 -5.82
C SER A 364 15.36 3.12 -4.78
N ILE A 365 15.51 4.45 -4.85
CA ILE A 365 16.44 5.21 -4.01
C ILE A 365 16.14 5.06 -2.51
N TRP A 366 14.89 4.70 -2.18
CA TRP A 366 14.45 4.58 -0.79
C TRP A 366 14.56 3.17 -0.24
N LEU A 367 14.78 2.19 -1.13
CA LEU A 367 14.56 0.77 -0.81
C LEU A 367 15.88 0.04 -0.47
N TYR A 368 16.16 -0.03 0.83
CA TYR A 368 17.34 -0.73 1.32
C TYR A 368 16.98 -2.11 1.80
N ILE A 369 17.87 -3.04 1.49
CA ILE A 369 17.63 -4.46 1.73
C ILE A 369 18.08 -4.84 3.14
N VAL A 370 17.11 -5.05 4.02
CA VAL A 370 17.39 -5.29 5.45
C VAL A 370 16.40 -6.33 5.96
N PRO A 371 16.67 -7.62 5.69
CA PRO A 371 15.74 -8.71 6.00
C PRO A 371 15.32 -8.82 7.47
N ARG A 372 16.22 -8.50 8.41
CA ARG A 372 15.86 -8.64 9.82
C ARG A 372 14.69 -7.71 10.19
N GLY A 373 14.52 -6.63 9.44
CA GLY A 373 13.43 -5.66 9.71
C GLY A 373 12.09 -6.35 9.67
N MET A 374 11.96 -7.34 8.78
CA MET A 374 10.71 -8.11 8.67
C MET A 374 10.39 -8.76 10.04
N ARG A 375 11.37 -9.40 10.64
CA ARG A 375 11.17 -10.09 11.92
C ARG A 375 10.92 -9.10 13.06
N SER A 376 11.71 -8.03 13.11
CA SER A 376 11.56 -7.04 14.16
C SER A 376 10.14 -6.45 14.15
N LEU A 377 9.66 -6.16 12.95
CA LEU A 377 8.39 -5.47 12.80
C LEU A 377 7.27 -6.44 13.18
N MET A 378 7.39 -7.71 12.81
CA MET A 378 6.35 -8.68 13.16
C MET A 378 6.19 -8.76 14.68
N ASN A 379 7.31 -8.75 15.39
CA ASN A 379 7.26 -8.81 16.86
C ASN A 379 6.68 -7.54 17.46
N TYR A 380 7.07 -6.39 16.90
CA TYR A 380 6.52 -5.09 17.31
C TYR A 380 4.99 -5.07 17.26
N VAL A 381 4.44 -5.51 16.14
CA VAL A 381 2.99 -5.48 15.93
C VAL A 381 2.29 -6.41 16.92
N LYS A 382 2.87 -7.59 17.09
CA LYS A 382 2.36 -8.59 18.03
C LYS A 382 2.28 -8.00 19.42
N GLU A 383 3.36 -7.35 19.83
CA GLU A 383 3.46 -6.83 21.19
C GLU A 383 2.54 -5.63 21.43
N ARG A 384 2.55 -4.68 20.51
CA ARG A 384 1.82 -3.44 20.74
C ARG A 384 0.32 -3.62 20.63
N TYR A 385 -0.12 -4.51 19.74
CA TYR A 385 -1.53 -4.57 19.36
C TYR A 385 -2.19 -5.89 19.78
N ASN A 386 -1.47 -6.63 20.61
CA ASN A 386 -2.02 -7.86 21.22
C ASN A 386 -2.30 -8.94 20.20
N SER A 387 -1.31 -9.20 19.37
CA SER A 387 -1.33 -10.31 18.45
C SER A 387 -2.55 -10.32 17.48
N PRO A 388 -2.74 -9.24 16.71
CA PRO A 388 -3.75 -9.27 15.66
C PRO A 388 -3.28 -10.18 14.53
N PRO A 389 -4.20 -10.74 13.72
CA PRO A 389 -3.80 -11.50 12.52
C PRO A 389 -3.18 -10.51 11.56
N VAL A 390 -2.07 -10.91 10.94
CA VAL A 390 -1.35 -10.05 10.03
C VAL A 390 -1.21 -10.75 8.67
N TYR A 391 -1.36 -10.00 7.59
CA TYR A 391 -0.94 -10.47 6.25
C TYR A 391 0.15 -9.54 5.79
N ILE A 392 1.21 -10.08 5.19
CA ILE A 392 2.16 -9.24 4.51
C ILE A 392 1.54 -8.98 3.15
N THR A 393 0.91 -7.81 3.03
CA THR A 393 0.15 -7.46 1.84
C THR A 393 1.03 -6.99 0.67
N GLU A 394 2.29 -6.66 0.95
CA GLU A 394 3.30 -6.38 -0.08
C GLU A 394 4.69 -6.57 0.50
N ASN A 395 5.56 -7.20 -0.27
CA ASN A 395 7.00 -7.18 -0.01
C ASN A 395 7.67 -7.51 -1.33
N GLY A 396 8.72 -6.78 -1.65
CA GLY A 396 9.48 -7.08 -2.88
C GLY A 396 10.48 -6.00 -3.16
N MET A 397 11.14 -6.07 -4.32
CA MET A 397 12.17 -5.10 -4.65
C MET A 397 12.25 -4.94 -6.14
N ASP A 398 12.94 -3.87 -6.56
CA ASP A 398 12.99 -3.56 -8.00
C ASP A 398 14.35 -3.58 -8.64
N ASP A 399 14.30 -3.91 -9.94
CA ASP A 399 15.41 -3.79 -10.88
C ASP A 399 15.24 -2.47 -11.62
N SER A 400 16.32 -2.02 -12.23
CA SER A 400 16.25 -0.84 -13.08
C SER A 400 15.60 -1.23 -14.39
N ASN A 401 15.15 -0.23 -15.14
CA ASN A 401 14.75 -0.46 -16.51
C ASN A 401 15.93 -0.04 -17.39
N ASN A 402 16.70 -1.04 -17.81
CA ASN A 402 18.03 -0.77 -18.33
C ASN A 402 18.03 -1.08 -19.81
N PRO A 403 18.00 -0.02 -20.66
CA PRO A 403 17.95 -0.32 -22.09
C PRO A 403 19.29 -0.82 -22.67
N PHE A 404 20.34 -0.85 -21.87
CA PHE A 404 21.65 -1.27 -22.37
C PHE A 404 21.98 -2.75 -22.15
N ILE A 405 21.01 -3.49 -21.61
CA ILE A 405 21.18 -4.94 -21.47
C ILE A 405 20.09 -5.68 -22.22
N SER A 406 20.38 -6.93 -22.53
CA SER A 406 19.43 -7.79 -23.23
C SER A 406 18.28 -8.18 -22.32
N ILE A 407 17.15 -8.56 -22.92
CA ILE A 407 16.05 -9.12 -22.12
C ILE A 407 16.54 -10.33 -21.33
N LYS A 408 17.29 -11.21 -21.98
CA LYS A 408 17.83 -12.38 -21.27
C LYS A 408 18.57 -12.03 -19.99
N ASP A 409 19.40 -10.98 -20.04
CA ASP A 409 20.13 -10.51 -18.87
C ASP A 409 19.21 -9.85 -17.86
N ALA A 410 18.17 -9.17 -18.33
CA ALA A 410 17.17 -8.58 -17.44
C ALA A 410 16.41 -9.63 -16.62
N LEU A 411 16.33 -10.86 -17.14
CA LEU A 411 15.62 -11.96 -16.46
C LEU A 411 16.40 -12.58 -15.26
N LYS A 412 17.69 -12.25 -15.16
CA LYS A 412 18.56 -12.87 -14.16
C LYS A 412 18.47 -12.10 -12.86
N ASP A 413 17.33 -12.26 -12.19
CA ASP A 413 17.03 -11.45 -10.97
C ASP A 413 17.45 -12.17 -9.68
N SER A 414 18.72 -12.59 -9.64
CA SER A 414 19.21 -13.27 -8.44
C SER A 414 19.09 -12.41 -7.18
N LYS A 415 19.19 -11.09 -7.34
CA LYS A 415 19.10 -10.17 -6.20
C LYS A 415 17.70 -10.21 -5.63
N ARG A 416 16.70 -10.21 -6.52
CA ARG A 416 15.31 -10.36 -6.08
C ARG A 416 15.11 -11.70 -5.39
N ILE A 417 15.67 -12.76 -5.96
CA ILE A 417 15.54 -14.07 -5.33
C ILE A 417 16.12 -14.05 -3.92
N LYS A 418 17.30 -13.43 -3.75
CA LYS A 418 17.93 -13.39 -2.42
C LYS A 418 17.03 -12.57 -1.46
N TYR A 419 16.47 -11.48 -1.99
CA TYR A 419 15.56 -10.59 -1.21
C TYR A 419 14.39 -11.39 -0.65
N HIS A 420 13.61 -12.01 -1.54
CA HIS A 420 12.50 -12.85 -1.11
C HIS A 420 12.92 -13.98 -0.20
N ASN A 421 14.03 -14.63 -0.54
CA ASN A 421 14.50 -15.68 0.34
C ASN A 421 14.76 -15.19 1.77
N ASP A 422 15.47 -14.07 1.88
CA ASP A 422 15.94 -13.57 3.18
C ASP A 422 14.76 -12.98 3.96
N TYR A 423 13.91 -12.22 3.29
CA TYR A 423 12.73 -11.68 3.99
C TYR A 423 11.77 -12.78 4.42
N LEU A 424 11.55 -13.78 3.55
CA LEU A 424 10.68 -14.89 3.93
C LEU A 424 11.26 -15.75 5.06
N THR A 425 12.58 -15.90 5.08
CA THR A 425 13.23 -16.70 6.12
C THR A 425 12.98 -16.04 7.48
N ASN A 426 13.16 -14.72 7.50
CA ASN A 426 12.85 -13.90 8.67
C ASN A 426 11.38 -13.96 9.04
N LEU A 427 10.51 -13.89 8.04
CA LEU A 427 9.07 -14.04 8.31
C LEU A 427 8.76 -15.41 8.94
N ALA A 428 9.34 -16.48 8.39
CA ALA A 428 9.05 -17.84 8.89
C ALA A 428 9.48 -17.95 10.35
N ALA A 429 10.62 -17.33 10.69
CA ALA A 429 11.14 -17.36 12.06
C ALA A 429 10.26 -16.55 13.02
N SER A 430 9.74 -15.42 12.55
CA SER A 430 8.82 -14.64 13.39
C SER A 430 7.58 -15.46 13.77
N ILE A 431 7.14 -16.35 12.87
CA ILE A 431 5.94 -17.15 13.12
C ILE A 431 6.32 -18.34 14.00
N LYS A 432 7.31 -19.11 13.59
CA LYS A 432 7.61 -20.40 14.26
C LYS A 432 8.28 -20.17 15.61
N GLU A 433 9.23 -19.23 15.65
CA GLU A 433 10.00 -19.01 16.87
C GLU A 433 9.36 -18.00 17.79
N ASP A 434 8.78 -16.95 17.22
CA ASP A 434 8.39 -15.80 18.02
C ASP A 434 6.89 -15.75 18.27
N GLY A 435 6.15 -16.64 17.61
CA GLY A 435 4.70 -16.74 17.82
C GLY A 435 3.83 -15.68 17.15
N CYS A 436 4.35 -15.02 16.12
CA CYS A 436 3.57 -13.98 15.43
C CYS A 436 2.48 -14.61 14.54
N ASP A 437 1.26 -14.04 14.59
CA ASP A 437 0.11 -14.61 13.87
C ASP A 437 0.05 -14.05 12.46
N VAL A 438 0.94 -14.55 11.62
CA VAL A 438 0.97 -14.11 10.21
C VAL A 438 0.26 -15.17 9.35
N ARG A 439 -0.65 -14.71 8.49
CA ARG A 439 -1.55 -15.62 7.76
C ARG A 439 -1.25 -15.75 6.28
N GLY A 440 -0.45 -14.83 5.76
CA GLY A 440 -0.13 -14.85 4.33
C GLY A 440 0.88 -13.80 3.92
N TYR A 441 1.29 -13.89 2.65
CA TYR A 441 2.38 -13.08 2.09
C TYR A 441 2.15 -12.88 0.61
N PHE A 442 2.24 -11.63 0.16
CA PHE A 442 2.02 -11.27 -1.24
C PHE A 442 3.23 -10.54 -1.74
N ALA A 443 3.82 -11.04 -2.83
CA ALA A 443 4.98 -10.37 -3.43
C ALA A 443 4.51 -9.20 -4.27
N TRP A 444 5.18 -8.05 -4.07
CA TRP A 444 5.11 -6.95 -5.04
C TRP A 444 6.28 -7.14 -6.01
N SER A 445 6.01 -7.38 -7.30
CA SER A 445 4.68 -7.47 -7.92
C SER A 445 4.65 -8.64 -8.92
N LEU A 446 3.47 -9.00 -9.42
CA LEU A 446 3.40 -10.09 -10.41
C LEU A 446 4.14 -9.68 -11.70
N LEU A 447 3.93 -8.43 -12.14
CA LEU A 447 4.47 -7.95 -13.42
C LEU A 447 5.17 -6.65 -13.16
N ASP A 448 6.20 -6.36 -13.97
CA ASP A 448 6.69 -4.97 -14.07
C ASP A 448 5.46 -4.12 -14.38
N ASN A 449 5.43 -2.90 -13.88
CA ASN A 449 4.23 -2.05 -14.05
C ASN A 449 4.57 -0.58 -13.88
N TRP A 450 3.55 0.27 -13.89
CA TRP A 450 3.80 1.70 -13.86
C TRP A 450 3.89 2.09 -12.41
N GLU A 451 5.09 2.39 -11.95
CA GLU A 451 5.31 2.66 -10.52
CA GLU A 451 5.37 2.68 -10.54
C GLU A 451 5.14 4.15 -10.18
N TRP A 452 3.92 4.62 -10.38
CA TRP A 452 3.52 5.97 -9.97
C TRP A 452 4.51 6.98 -10.51
N ALA A 453 5.04 7.88 -9.69
CA ALA A 453 5.90 8.96 -10.21
C ALA A 453 7.26 8.45 -10.77
N ALA A 454 7.62 7.21 -10.43
CA ALA A 454 8.79 6.54 -11.01
C ALA A 454 8.53 6.01 -12.42
N GLY A 455 7.24 6.00 -12.82
CA GLY A 455 6.84 5.49 -14.14
C GLY A 455 7.34 4.07 -14.42
N TYR A 456 7.86 3.88 -15.64
CA TYR A 456 8.38 2.59 -16.11
C TYR A 456 9.86 2.41 -15.78
N SER A 457 10.43 3.28 -14.94
CA SER A 457 11.87 3.23 -14.64
C SER A 457 12.21 2.16 -13.59
N SER A 458 11.18 1.56 -13.00
CA SER A 458 11.34 0.63 -11.89
C SER A 458 10.63 -0.68 -12.24
N ARG A 459 11.36 -1.79 -12.16
CA ARG A 459 10.79 -3.09 -12.54
C ARG A 459 10.68 -4.01 -11.31
N PHE A 460 9.48 -4.09 -10.74
CA PHE A 460 9.25 -4.88 -9.49
C PHE A 460 8.74 -6.29 -9.75
N GLY A 461 8.53 -6.65 -11.01
CA GLY A 461 7.76 -7.86 -11.27
C GLY A 461 8.55 -9.13 -11.15
N LEU A 462 7.85 -10.22 -10.87
CA LEU A 462 8.37 -11.58 -11.08
C LEU A 462 8.45 -11.84 -12.58
N TYR A 463 7.51 -11.27 -13.33
CA TYR A 463 7.59 -11.30 -14.80
C TYR A 463 8.05 -9.98 -15.36
N PHE A 464 8.97 -10.06 -16.30
CA PHE A 464 9.48 -8.91 -17.05
C PHE A 464 8.46 -8.51 -18.12
N VAL A 465 8.22 -7.21 -18.30
CA VAL A 465 7.34 -6.74 -19.37
C VAL A 465 8.11 -5.96 -20.43
N ASP A 466 8.04 -6.46 -21.67
CA ASP A 466 8.72 -5.79 -22.76
C ASP A 466 7.82 -4.71 -23.29
N TYR A 467 8.09 -3.47 -22.85
CA TYR A 467 7.32 -2.31 -23.27
C TYR A 467 7.54 -1.97 -24.74
N LYS A 468 8.61 -2.50 -25.32
CA LYS A 468 8.88 -2.26 -26.75
C LYS A 468 8.41 -3.40 -27.69
N ASP A 469 7.68 -4.38 -27.14
CA ASP A 469 7.19 -5.52 -27.92
C ASP A 469 5.79 -5.90 -27.46
N ASN A 470 4.88 -4.94 -27.56
CA ASN A 470 3.46 -5.15 -27.26
C ASN A 470 3.26 -5.81 -25.89
N LEU A 471 4.02 -5.33 -24.90
CA LEU A 471 3.81 -5.72 -23.49
C LEU A 471 3.98 -7.22 -23.25
N LYS A 472 4.85 -7.84 -24.04
CA LYS A 472 5.10 -9.26 -23.87
C LYS A 472 5.62 -9.60 -22.46
N ARG A 473 5.07 -10.63 -21.83
CA ARG A 473 5.57 -11.05 -20.49
C ARG A 473 6.63 -12.15 -20.64
N TYR A 474 7.74 -12.00 -19.93
CA TYR A 474 8.75 -13.08 -19.84
C TYR A 474 9.00 -13.38 -18.38
N PRO A 475 9.10 -14.67 -18.02
CA PRO A 475 9.40 -14.96 -16.62
C PRO A 475 10.87 -14.63 -16.28
N LYS A 476 11.07 -13.87 -15.19
CA LYS A 476 12.38 -13.71 -14.61
C LYS A 476 12.71 -15.00 -13.85
N ASN A 477 13.96 -15.16 -13.45
CA ASN A 477 14.36 -16.37 -12.73
C ASN A 477 13.56 -16.58 -11.41
N SER A 478 13.11 -15.48 -10.80
CA SER A 478 12.30 -15.58 -9.57
C SER A 478 11.02 -16.38 -9.76
N VAL A 479 10.49 -16.43 -10.98
CA VAL A 479 9.31 -17.25 -11.29
C VAL A 479 9.56 -18.71 -10.95
N GLN A 480 10.68 -19.25 -11.42
CA GLN A 480 11.02 -20.64 -11.11
C GLN A 480 11.32 -20.84 -9.63
N TRP A 481 11.87 -19.81 -9.00
CA TRP A 481 12.18 -19.85 -7.55
C TRP A 481 10.91 -19.96 -6.72
N PHE A 482 9.92 -19.12 -7.05
CA PHE A 482 8.63 -19.23 -6.40
C PHE A 482 7.93 -20.53 -6.71
N LYS A 483 8.01 -20.97 -7.97
CA LYS A 483 7.41 -22.26 -8.33
C LYS A 483 7.94 -23.41 -7.45
N ALA A 484 9.27 -23.46 -7.31
CA ALA A 484 9.90 -24.51 -6.48
C ALA A 484 9.50 -24.39 -5.01
N LEU A 485 9.47 -23.16 -4.52
CA LEU A 485 9.03 -22.88 -3.13
C LEU A 485 7.62 -23.37 -2.84
N LEU A 486 6.72 -23.17 -3.80
CA LEU A 486 5.29 -23.41 -3.57
C LEU A 486 4.82 -24.80 -3.93
N LYS A 487 5.73 -25.63 -4.46
CA LYS A 487 5.38 -26.98 -4.85
C LYS A 487 4.85 -27.80 -3.69
N THR A 488 3.76 -28.54 -3.95
CA THR A 488 2.98 -29.20 -2.92
C THR A 488 3.01 -30.71 -3.14
#